data_8XGP
#
_entry.id   8XGP
#
_entity_poly.entity_id   1
_entity_poly.type   'polydeoxyribonucleotide'
_entity_poly.pdbx_seq_one_letter_code
;(DG)(DG)(DG)(DC)(DC)(DT)(DG)(DG)(DG)(DC)(DC)(DT)(DG)(DG)(DG)(DC)(DC)(DT)(DG)(DG)
(DG)
;
_entity_poly.pdbx_strand_id   A
#
loop_
_chem_comp.id
_chem_comp.type
_chem_comp.name
_chem_comp.formula
DC DNA linking 2'-DEOXYCYTIDINE-5'-MONOPHOSPHATE 'C9 H14 N3 O7 P'
DG DNA linking 2'-DEOXYGUANOSINE-5'-MONOPHOSPHATE 'C10 H14 N5 O7 P'
DT DNA linking THYMIDINE-5'-MONOPHOSPHATE 'C10 H15 N2 O8 P'
#